data_5II6
#
_entry.id   5II6
#
_cell.length_a   39.539
_cell.length_b   50.013
_cell.length_c   51.751
_cell.angle_alpha   90.00
_cell.angle_beta   90.00
_cell.angle_gamma   90.00
#
_symmetry.space_group_name_H-M   'P 21 21 21'
#
loop_
_entity.id
_entity.type
_entity.pdbx_description
1 polymer 'Zona pellucida sperm-binding protein 2'
2 water water
#
_entity_poly.entity_id   1
_entity_poly.type   'polypeptide(L)'
_entity_poly.pdbx_seq_one_letter_code
;VSLPQSENPAFPGTLICDKDEVRIEFSSRFDMEKWNPSVVDTLGSEILSCTYALDLERFVLKFPYETCTIKVVGGYQVNI
RVGDTTTDVRYKDDMYHFFCPAIQLEHHHHHH
;
_entity_poly.pdbx_strand_id   A
#
# COMPACT_ATOMS: atom_id res chain seq x y z
N ASN A 8 -12.06 4.21 -17.99
CA ASN A 8 -12.49 3.92 -16.61
C ASN A 8 -11.36 4.23 -15.65
N PRO A 9 -11.70 4.90 -14.53
CA PRO A 9 -10.65 5.32 -13.58
C PRO A 9 -9.77 4.16 -13.13
N ALA A 10 -8.45 4.32 -13.18
CA ALA A 10 -7.43 3.44 -12.68
C ALA A 10 -7.17 3.67 -11.20
N PHE A 11 -6.64 2.66 -10.52
CA PHE A 11 -6.34 2.84 -9.10
C PHE A 11 -5.30 3.95 -8.95
N PRO A 12 -5.60 5.02 -8.21
CA PRO A 12 -4.71 6.19 -8.22
C PRO A 12 -3.75 6.30 -7.05
N GLY A 13 -3.68 5.29 -6.22
CA GLY A 13 -2.78 5.34 -5.10
C GLY A 13 -1.33 5.41 -5.59
N THR A 14 -0.58 6.34 -5.00
CA THR A 14 0.82 6.54 -5.32
C THR A 14 1.67 5.80 -4.31
N LEU A 15 2.47 4.89 -4.82
CA LEU A 15 3.33 4.07 -3.97
C LEU A 15 4.55 4.87 -3.51
N ILE A 16 4.79 4.90 -2.21
CA ILE A 16 5.98 5.50 -1.63
C ILE A 16 6.66 4.49 -0.73
N CYS A 17 7.82 4.04 -1.15
CA CYS A 17 8.61 3.08 -0.37
C CYS A 17 9.57 3.91 0.47
N ASP A 18 9.32 4.03 1.76
CA ASP A 18 10.13 4.86 2.63
C ASP A 18 11.02 3.98 3.50
N LYS A 19 11.88 4.62 4.30
CA LYS A 19 12.86 3.92 5.09
C LYS A 19 12.24 3.15 6.25
N ASP A 20 11.08 3.60 6.72
N ASP A 20 11.08 3.63 6.77
CA ASP A 20 10.51 3.03 7.92
CA ASP A 20 10.44 3.05 7.94
C ASP A 20 9.07 2.59 7.73
C ASP A 20 9.09 2.39 7.66
N GLU A 21 8.52 2.65 6.52
CA GLU A 21 7.15 2.27 6.22
C GLU A 21 6.97 2.34 4.72
N VAL A 22 5.84 1.75 4.28
CA VAL A 22 5.32 1.92 2.95
C VAL A 22 4.08 2.79 3.06
N ARG A 23 3.91 3.74 2.14
CA ARG A 23 2.69 4.53 2.03
C ARG A 23 2.08 4.34 0.65
N ILE A 24 0.76 4.39 0.61
CA ILE A 24 0.03 4.51 -0.63
C ILE A 24 -0.83 5.76 -0.46
N GLU A 25 -0.50 6.80 -1.23
CA GLU A 25 -1.02 8.15 -1.00
C GLU A 25 -2.07 8.48 -2.06
N PHE A 26 -3.04 9.28 -1.66
CA PHE A 26 -4.16 9.67 -2.51
C PHE A 26 -4.28 11.18 -2.64
N SER A 27 -5.00 11.58 -3.67
CA SER A 27 -5.27 13.00 -3.94
C SER A 27 -6.38 13.57 -3.08
N SER A 28 -7.26 12.74 -2.58
CA SER A 28 -8.40 13.23 -1.83
C SER A 28 -8.90 12.10 -0.94
N ARG A 29 -9.68 12.48 0.06
N ARG A 29 -9.68 12.49 0.04
CA ARG A 29 -10.29 11.42 0.85
CA ARG A 29 -10.34 11.48 0.86
C ARG A 29 -11.31 10.66 0.01
C ARG A 29 -11.31 10.67 0.03
N PHE A 30 -11.91 11.29 -1.00
CA PHE A 30 -12.89 10.59 -1.82
C PHE A 30 -12.26 9.44 -2.62
N ASP A 31 -11.03 9.62 -3.12
CA ASP A 31 -10.37 8.50 -3.78
C ASP A 31 -10.17 7.35 -2.82
N MET A 32 -9.76 7.63 -1.59
N MET A 32 -9.78 7.65 -1.59
CA MET A 32 -9.54 6.54 -0.64
CA MET A 32 -9.51 6.63 -0.59
C MET A 32 -10.86 5.83 -0.35
C MET A 32 -10.79 5.88 -0.21
N GLU A 33 -11.92 6.60 -0.14
CA GLU A 33 -13.20 5.97 0.17
C GLU A 33 -13.71 5.15 -1.02
N LYS A 34 -13.48 5.63 -2.24
CA LYS A 34 -13.95 4.91 -3.41
C LYS A 34 -13.22 3.59 -3.57
N TRP A 35 -11.90 3.61 -3.42
CA TRP A 35 -11.08 2.42 -3.68
C TRP A 35 -10.93 1.52 -2.47
N ASN A 36 -11.11 2.03 -1.27
CA ASN A 36 -11.09 1.24 -0.04
C ASN A 36 -9.90 0.25 -0.02
N PRO A 37 -8.68 0.73 -0.17
CA PRO A 37 -7.55 -0.19 -0.20
C PRO A 37 -7.32 -0.83 1.16
N SER A 38 -7.00 -2.12 1.12
N SER A 38 -6.94 -2.10 1.12
CA SER A 38 -6.73 -2.85 2.34
CA SER A 38 -6.75 -2.89 2.32
C SER A 38 -5.53 -3.76 2.09
C SER A 38 -5.59 -3.85 2.12
N VAL A 39 -4.69 -3.93 3.10
CA VAL A 39 -3.54 -4.81 3.00
C VAL A 39 -4.00 -6.24 3.18
N VAL A 40 -3.58 -7.11 2.25
CA VAL A 40 -3.97 -8.51 2.24
C VAL A 40 -2.74 -9.35 1.87
N ASP A 41 -2.91 -10.68 1.91
CA ASP A 41 -1.90 -11.59 1.42
C ASP A 41 -2.10 -11.86 -0.07
N THR A 42 -1.27 -12.75 -0.62
CA THR A 42 -1.29 -13.03 -2.04
C THR A 42 -2.58 -13.66 -2.55
N LEU A 43 -3.41 -14.14 -1.65
CA LEU A 43 -4.71 -14.74 -1.96
C LEU A 43 -5.88 -13.84 -1.63
N GLY A 44 -5.63 -12.65 -1.09
CA GLY A 44 -6.70 -11.72 -0.76
C GLY A 44 -7.21 -11.74 0.67
N SER A 45 -6.60 -12.50 1.54
CA SER A 45 -7.00 -12.61 2.94
C SER A 45 -6.20 -11.66 3.83
N GLU A 46 -6.78 -11.23 4.96
CA GLU A 46 -6.03 -10.44 5.93
C GLU A 46 -4.79 -11.19 6.43
N ILE A 47 -3.72 -10.42 6.70
CA ILE A 47 -2.50 -10.95 7.28
C ILE A 47 -2.63 -10.81 8.79
N LEU A 48 -2.46 -11.93 9.51
CA LEU A 48 -2.76 -11.94 10.94
C LEU A 48 -1.97 -10.90 11.70
N SER A 49 -0.69 -10.73 11.36
CA SER A 49 0.21 -9.83 12.08
C SER A 49 0.05 -8.38 11.70
N CYS A 50 -0.71 -8.06 10.68
CA CYS A 50 -0.62 -6.74 10.06
C CYS A 50 -1.59 -5.74 10.69
N THR A 51 -1.05 -4.65 11.22
CA THR A 51 -1.81 -3.46 11.54
C THR A 51 -1.39 -2.39 10.53
N TYR A 52 -2.39 -1.79 9.87
CA TYR A 52 -2.15 -0.69 8.96
C TYR A 52 -2.94 0.54 9.42
N ALA A 53 -2.59 1.68 8.91
CA ALA A 53 -3.20 2.93 9.29
C ALA A 53 -3.79 3.62 8.08
N LEU A 54 -4.93 4.25 8.27
CA LEU A 54 -5.53 5.17 7.30
C LEU A 54 -5.49 6.56 7.89
N ASP A 55 -4.88 7.50 7.21
CA ASP A 55 -4.83 8.89 7.62
C ASP A 55 -5.86 9.61 6.76
N LEU A 56 -6.96 9.98 7.42
CA LEU A 56 -8.09 10.63 6.79
C LEU A 56 -7.83 12.09 6.42
N GLU A 57 -6.83 12.70 7.05
CA GLU A 57 -6.47 14.09 6.79
C GLU A 57 -5.52 14.24 5.63
N ARG A 58 -4.51 13.36 5.58
CA ARG A 58 -3.49 13.40 4.54
C ARG A 58 -3.81 12.48 3.40
N PHE A 59 -4.77 11.58 3.58
CA PHE A 59 -5.26 10.66 2.56
C PHE A 59 -4.19 9.60 2.23
N VAL A 60 -3.79 8.87 3.24
CA VAL A 60 -2.71 7.90 3.14
C VAL A 60 -3.10 6.60 3.78
N LEU A 61 -2.73 5.50 3.14
CA LEU A 61 -2.67 4.16 3.71
C LEU A 61 -1.19 3.91 4.01
N LYS A 62 -0.85 3.53 5.24
CA LYS A 62 0.55 3.30 5.57
C LYS A 62 0.70 2.10 6.46
N PHE A 63 1.86 1.45 6.37
CA PHE A 63 2.05 0.22 7.09
C PHE A 63 3.53 -0.13 7.13
N PRO A 64 3.92 -0.94 8.12
CA PRO A 64 5.31 -1.36 8.23
C PRO A 64 5.66 -2.50 7.31
N TYR A 65 6.94 -2.62 7.02
CA TYR A 65 7.43 -3.70 6.20
C TYR A 65 7.28 -5.07 6.87
N GLU A 66 7.68 -5.18 8.12
CA GLU A 66 7.85 -6.48 8.75
C GLU A 66 6.56 -7.26 8.88
N THR A 67 5.46 -6.60 9.17
CA THR A 67 4.24 -7.24 9.52
C THR A 67 3.19 -7.26 8.43
N CYS A 68 3.36 -6.49 7.36
CA CYS A 68 2.35 -6.30 6.33
C CYS A 68 2.80 -6.55 4.90
N THR A 69 4.07 -6.89 4.72
CA THR A 69 4.62 -7.19 3.42
C THR A 69 5.34 -8.54 3.51
N ILE A 70 5.64 -9.12 2.39
CA ILE A 70 6.45 -10.35 2.34
C ILE A 70 7.77 -10.07 1.67
N LYS A 71 8.81 -10.74 2.18
CA LYS A 71 10.11 -10.67 1.56
C LYS A 71 10.10 -11.37 0.21
N VAL A 72 10.68 -10.73 -0.80
CA VAL A 72 10.82 -11.29 -2.13
C VAL A 72 12.24 -10.97 -2.62
N VAL A 73 12.62 -11.47 -3.79
CA VAL A 73 13.97 -11.19 -4.26
C VAL A 73 14.15 -9.67 -4.42
N GLY A 74 15.20 -9.15 -3.78
CA GLY A 74 15.53 -7.76 -3.90
C GLY A 74 14.70 -6.80 -3.09
N GLY A 75 13.72 -7.26 -2.29
CA GLY A 75 12.87 -6.31 -1.59
C GLY A 75 11.68 -6.96 -0.95
N TYR A 76 10.56 -6.25 -1.07
CA TYR A 76 9.34 -6.56 -0.34
C TYR A 76 8.17 -6.41 -1.31
N GLN A 77 7.18 -7.30 -1.15
CA GLN A 77 5.94 -7.20 -1.91
C GLN A 77 4.79 -6.94 -0.95
N VAL A 78 3.93 -6.01 -1.31
N VAL A 78 3.92 -6.09 -1.51
CA VAL A 78 2.66 -5.85 -0.59
CA VAL A 78 2.69 -5.57 -0.91
C VAL A 78 1.53 -6.14 -1.57
C VAL A 78 1.52 -6.16 -1.72
N ASN A 79 0.51 -6.76 -1.04
CA ASN A 79 -0.72 -7.05 -1.74
C ASN A 79 -1.84 -6.17 -1.17
N ILE A 80 -2.61 -5.60 -2.09
CA ILE A 80 -3.64 -4.63 -1.76
C ILE A 80 -4.92 -5.08 -2.46
N ARG A 81 -6.00 -5.20 -1.70
N ARG A 81 -5.99 -5.22 -1.69
CA ARG A 81 -7.32 -5.39 -2.26
CA ARG A 81 -7.32 -5.39 -2.25
C ARG A 81 -8.05 -4.04 -2.30
C ARG A 81 -8.08 -4.07 -2.26
N VAL A 82 -8.86 -3.85 -3.32
CA VAL A 82 -9.71 -2.68 -3.44
C VAL A 82 -11.15 -3.12 -3.52
N GLY A 83 -12.05 -2.18 -3.26
CA GLY A 83 -13.46 -2.53 -3.27
C GLY A 83 -14.03 -2.62 -1.86
N VAL A 89 -17.01 -9.19 -0.42
CA VAL A 89 -17.22 -9.84 -1.71
C VAL A 89 -16.07 -9.53 -2.67
N ARG A 90 -15.70 -10.50 -3.52
CA ARG A 90 -14.64 -10.29 -4.48
C ARG A 90 -15.19 -9.77 -5.80
N TYR A 91 -14.39 -8.94 -6.47
CA TYR A 91 -14.75 -8.41 -7.79
C TYR A 91 -13.57 -8.61 -8.73
N LYS A 92 -13.85 -8.73 -10.01
CA LYS A 92 -12.78 -8.75 -10.99
C LYS A 92 -11.90 -7.53 -10.81
N ASP A 93 -10.61 -7.73 -11.00
N ASP A 93 -10.60 -7.79 -10.89
CA ASP A 93 -9.63 -6.65 -10.96
CA ASP A 93 -9.57 -6.77 -10.85
C ASP A 93 -9.42 -6.08 -9.55
C ASP A 93 -9.43 -6.09 -9.52
N ASP A 94 -9.81 -6.79 -8.47
CA ASP A 94 -9.73 -6.24 -7.14
C ASP A 94 -8.38 -6.42 -6.43
N MET A 95 -7.41 -7.08 -7.04
N MET A 95 -7.43 -7.15 -7.03
CA MET A 95 -6.15 -7.37 -6.38
CA MET A 95 -6.11 -7.44 -6.46
C MET A 95 -5.01 -6.68 -7.10
C MET A 95 -5.02 -6.62 -7.15
N TYR A 96 -4.20 -5.98 -6.32
CA TYR A 96 -3.01 -5.28 -6.76
C TYR A 96 -1.80 -5.80 -5.97
N HIS A 97 -0.64 -5.71 -6.58
CA HIS A 97 0.61 -6.01 -5.88
C HIS A 97 1.64 -4.98 -6.26
N PHE A 98 2.45 -4.62 -5.26
CA PHE A 98 3.47 -3.61 -5.41
C PHE A 98 4.78 -4.12 -4.81
N PHE A 99 5.87 -3.54 -5.31
CA PHE A 99 7.21 -3.92 -4.89
C PHE A 99 7.94 -2.68 -4.35
N CYS A 100 8.65 -2.91 -3.25
CA CYS A 100 9.57 -1.91 -2.70
C CYS A 100 10.95 -2.55 -2.57
N PRO A 101 11.99 -1.84 -2.95
CA PRO A 101 13.34 -2.40 -2.90
C PRO A 101 13.87 -2.49 -1.47
N ALA A 102 14.78 -3.43 -1.26
CA ALA A 102 15.46 -3.54 0.04
C ALA A 102 16.40 -2.39 0.30
N ILE A 103 17.00 -1.87 -0.73
CA ILE A 103 18.00 -0.83 -0.59
C ILE A 103 17.40 0.46 -1.07
N GLN A 104 17.35 1.46 -0.17
N GLN A 104 17.58 1.49 -0.28
CA GLN A 104 16.91 2.82 -0.44
CA GLN A 104 16.94 2.75 -0.54
C GLN A 104 18.12 3.74 -0.49
C GLN A 104 18.00 3.85 -0.42
N LEU A 105 18.23 4.55 -1.51
CA LEU A 105 19.28 5.56 -1.62
C LEU A 105 18.80 6.92 -1.20
N GLU A 106 19.64 7.66 -0.50
CA GLU A 106 19.32 8.98 -0.02
C GLU A 106 20.40 9.92 -0.53
N HIS A 107 19.96 10.95 -1.23
CA HIS A 107 20.90 12.00 -1.59
C HIS A 107 20.56 13.31 -0.88
N HIS A 108 19.55 13.98 -1.34
CA HIS A 108 19.09 15.16 -0.61
C HIS A 108 17.77 14.83 0.04
N HIS A 109 17.60 15.26 1.29
CA HIS A 109 16.36 15.03 2.01
C HIS A 109 15.34 16.09 1.65
N HIS A 110 14.24 15.70 1.08
CA HIS A 110 13.08 16.60 1.06
C HIS A 110 11.83 15.79 1.38
N HIS A 111 11.42 15.86 2.63
CA HIS A 111 10.32 15.03 3.06
C HIS A 111 9.05 15.77 2.71
N HIS A 112 8.06 15.03 2.27
CA HIS A 112 6.81 15.61 1.87
C HIS A 112 5.78 14.52 1.83
#